data_4H4U
#
_entry.id   4H4U
#
_cell.length_a   98.031
_cell.length_b   98.031
_cell.length_c   171.344
_cell.angle_alpha   90.00
_cell.angle_beta   90.00
_cell.angle_gamma   120.00
#
_symmetry.space_group_name_H-M   'P 61 2 2'
#
loop_
_entity.id
_entity.type
_entity.pdbx_description
1 polymer 'Biphenyl dioxygenase ferredoxin reductase subunit'
2 non-polymer 'NADPH DIHYDRO-NICOTINAMIDE-ADENINE-DINUCLEOTIDE PHOSPHATE'
3 non-polymer 'FLAVIN-ADENINE DINUCLEOTIDE'
4 non-polymer 'FORMIC ACID'
5 water water
#
_entity_poly.entity_id   1
_entity_poly.type   'polypeptide(L)'
_entity_poly.pdbx_seq_one_letter_code
;MSQEALKAPVVVLGAGLASVSFVAELRQAGYQGLITVVGDEAERPYDRPPLSKDFMAHGDAEKIRLDCKRAPEVEWLLGV
TAQSFDPQAHTVALSDGRTLPYGTLVLATGAAPRALPTLQGATMPVHTLRTLEDARRIQAGLRPQSRLLIVGGGVIGLEL
AATARTAGVHVSLVERQPRLMSRAAPATLADFVARYHAAQGVDLRFERSVTGSVDGVVLLDDGTRIAADMVVVGIGVLAN
DALARAAGLACDDGIFVDAYGRTTCPDVYALGDVTRQRNPLSGRFERIETWSNAQNQGIAVARHLVDPTAPGYAELPWYW
SDQGALRIQVAGLASGDEEIVRGEVSLDAPKFTLIELQKGRIVGATCVNNARDFAPLRRLLAVGAKPDRAALADPATDLR
KLAAAVAA
;
_entity_poly.pdbx_strand_id   A
#
loop_
_chem_comp.id
_chem_comp.type
_chem_comp.name
_chem_comp.formula
FAD non-polymer 'FLAVIN-ADENINE DINUCLEOTIDE' 'C27 H33 N9 O15 P2'
FMT non-polymer 'FORMIC ACID' 'C H2 O2'
NDP non-polymer 'NADPH DIHYDRO-NICOTINAMIDE-ADENINE-DINUCLEOTIDE PHOSPHATE' 'C21 H30 N7 O17 P3'
#
# COMPACT_ATOMS: atom_id res chain seq x y z
N ALA A 5 11.31 -23.59 16.88
CA ALA A 5 11.22 -22.92 15.59
C ALA A 5 9.84 -22.29 15.43
N LEU A 6 8.93 -22.99 14.76
CA LEU A 6 7.52 -22.64 14.85
C LEU A 6 6.97 -23.30 16.11
N LYS A 7 6.77 -22.47 17.13
CA LYS A 7 6.29 -22.92 18.43
C LYS A 7 4.84 -22.53 18.64
N ALA A 8 3.99 -23.51 18.92
CA ALA A 8 2.59 -23.24 19.25
C ALA A 8 2.47 -22.66 20.66
N PRO A 9 1.44 -21.85 20.91
CA PRO A 9 0.40 -21.42 19.98
C PRO A 9 0.83 -20.17 19.23
N VAL A 10 0.26 -19.97 18.05
CA VAL A 10 0.57 -18.78 17.28
C VAL A 10 -0.46 -17.69 17.55
N VAL A 11 0.02 -16.50 17.87
CA VAL A 11 -0.82 -15.31 18.00
C VAL A 11 -0.38 -14.27 16.98
N VAL A 12 -1.34 -13.74 16.22
CA VAL A 12 -1.07 -12.70 15.23
C VAL A 12 -1.79 -11.43 15.66
N LEU A 13 -1.08 -10.30 15.63
CA LEU A 13 -1.69 -9.01 15.95
C LEU A 13 -1.96 -8.23 14.69
N GLY A 14 -3.22 -7.83 14.51
CA GLY A 14 -3.68 -7.26 13.25
C GLY A 14 -4.41 -8.28 12.41
N ALA A 15 -5.48 -7.85 11.75
CA ALA A 15 -6.31 -8.73 10.93
C ALA A 15 -6.56 -8.19 9.53
N GLY A 16 -5.56 -7.50 8.96
CA GLY A 16 -5.59 -7.11 7.57
C GLY A 16 -5.07 -8.18 6.61
N LEU A 17 -4.77 -7.76 5.38
CA LEU A 17 -4.35 -8.64 4.31
C LEU A 17 -3.13 -9.46 4.68
N ALA A 18 -2.14 -8.79 5.26
CA ALA A 18 -0.90 -9.49 5.61
C ALA A 18 -1.17 -10.63 6.58
N SER A 19 -1.94 -10.34 7.62
CA SER A 19 -2.33 -11.33 8.62
C SER A 19 -3.12 -12.50 8.03
N VAL A 20 -4.18 -12.19 7.28
CA VAL A 20 -5.00 -13.23 6.66
C VAL A 20 -4.15 -14.12 5.76
N SER A 21 -3.28 -13.50 4.97
CA SER A 21 -2.42 -14.26 4.06
C SER A 21 -1.47 -15.17 4.84
N PHE A 22 -0.91 -14.65 5.91
CA PHE A 22 -0.01 -15.40 6.76
C PHE A 22 -0.71 -16.60 7.39
N VAL A 23 -1.88 -16.37 8.01
CA VAL A 23 -2.55 -17.48 8.70
C VAL A 23 -3.10 -18.51 7.71
N ALA A 24 -3.52 -18.09 6.51
CA ALA A 24 -3.96 -19.07 5.52
C ALA A 24 -2.78 -19.93 5.06
N GLU A 25 -1.62 -19.32 4.88
CA GLU A 25 -0.45 -20.12 4.50
C GLU A 25 0.02 -21.08 5.59
N LEU A 26 -0.08 -20.68 6.86
CA LEU A 26 0.29 -21.60 7.93
C LEU A 26 -0.53 -22.86 7.83
N ARG A 27 -1.85 -22.70 7.68
CA ARG A 27 -2.75 -23.85 7.56
C ARG A 27 -2.42 -24.69 6.34
N GLN A 28 -2.20 -24.03 5.20
CA GLN A 28 -1.95 -24.74 3.94
C GLN A 28 -0.65 -25.50 3.99
N ALA A 29 0.32 -24.97 4.73
CA ALA A 29 1.64 -25.58 4.81
C ALA A 29 1.66 -26.76 5.75
N GLY A 30 0.60 -26.88 6.55
CA GLY A 30 0.44 -28.02 7.43
C GLY A 30 0.45 -27.77 8.92
N TYR A 31 0.63 -26.53 9.36
CA TYR A 31 0.56 -26.24 10.80
C TYR A 31 -0.88 -26.40 11.30
N GLN A 32 -1.04 -27.22 12.33
CA GLN A 32 -2.34 -27.53 12.88
C GLN A 32 -2.55 -27.07 14.33
N GLY A 33 -1.59 -26.33 14.88
CA GLY A 33 -1.69 -25.87 16.25
C GLY A 33 -2.61 -24.65 16.35
N LEU A 34 -2.76 -24.11 17.55
CA LEU A 34 -3.62 -22.94 17.75
C LEU A 34 -3.17 -21.72 16.94
N ILE A 35 -4.14 -21.02 16.36
CA ILE A 35 -3.92 -19.70 15.76
C ILE A 35 -5.01 -18.78 16.28
N THR A 36 -4.61 -17.69 16.91
CA THR A 36 -5.54 -16.65 17.35
C THR A 36 -5.11 -15.32 16.73
N VAL A 37 -6.03 -14.61 16.09
CA VAL A 37 -5.71 -13.33 15.47
C VAL A 37 -6.45 -12.22 16.22
N VAL A 38 -5.75 -11.13 16.55
CA VAL A 38 -6.35 -10.00 17.27
C VAL A 38 -6.47 -8.82 16.32
N GLY A 39 -7.69 -8.34 16.08
CA GLY A 39 -7.90 -7.27 15.11
C GLY A 39 -8.71 -6.14 15.72
N ASP A 40 -8.15 -4.93 15.75
CA ASP A 40 -8.82 -3.86 16.46
C ASP A 40 -10.09 -3.38 15.79
N GLU A 41 -10.17 -3.49 14.48
CA GLU A 41 -11.40 -3.14 13.78
C GLU A 41 -12.47 -4.19 14.02
N ALA A 42 -13.67 -3.73 14.34
CA ALA A 42 -14.82 -4.62 14.47
C ALA A 42 -15.44 -4.87 13.09
N GLU A 43 -14.67 -5.52 12.22
CA GLU A 43 -15.10 -5.79 10.85
C GLU A 43 -14.60 -7.14 10.42
N ARG A 44 -15.47 -7.89 9.72
CA ARG A 44 -15.00 -9.08 9.04
C ARG A 44 -13.81 -8.67 8.16
N PRO A 45 -12.70 -9.42 8.23
CA PRO A 45 -11.49 -8.96 7.52
C PRO A 45 -11.78 -8.63 6.06
N TYR A 46 -11.20 -7.53 5.60
CA TYR A 46 -11.57 -6.98 4.29
C TYR A 46 -10.37 -6.38 3.59
N ASP A 47 -10.49 -6.23 2.27
CA ASP A 47 -9.40 -5.64 1.48
C ASP A 47 -9.62 -4.13 1.33
N ARG A 48 -8.53 -3.37 1.37
CA ARG A 48 -8.61 -1.92 1.35
C ARG A 48 -8.69 -1.23 -0.03
N PRO A 49 -8.09 -1.83 -1.10
CA PRO A 49 -8.12 -1.03 -2.33
C PRO A 49 -9.50 -0.61 -2.83
N PRO A 50 -10.56 -1.43 -2.63
CA PRO A 50 -11.84 -0.91 -3.12
C PRO A 50 -12.36 0.33 -2.40
N LEU A 51 -11.78 0.67 -1.24
CA LEU A 51 -12.23 1.83 -0.47
C LEU A 51 -12.05 3.15 -1.22
N SER A 52 -11.16 3.17 -2.21
CA SER A 52 -10.97 4.39 -2.98
C SER A 52 -11.67 4.32 -4.34
N LYS A 53 -12.25 3.17 -4.64
CA LYS A 53 -12.90 2.95 -5.93
C LYS A 53 -14.32 2.40 -5.80
N ASP A 54 -14.51 1.12 -6.07
CA ASP A 54 -15.85 0.57 -6.19
C ASP A 54 -16.62 0.63 -4.88
N PHE A 55 -15.95 0.50 -3.74
CA PHE A 55 -16.72 0.65 -2.51
C PHE A 55 -17.12 2.11 -2.30
N MET A 56 -16.19 3.02 -2.52
CA MET A 56 -16.48 4.45 -2.39
C MET A 56 -17.68 4.81 -3.26
N ALA A 57 -17.75 4.22 -4.45
CA ALA A 57 -18.78 4.56 -5.43
C ALA A 57 -20.12 3.83 -5.22
N HIS A 58 -20.07 2.57 -4.79
CA HIS A 58 -21.27 1.74 -4.73
C HIS A 58 -21.65 1.25 -3.32
N GLY A 59 -20.69 1.24 -2.40
CA GLY A 59 -20.97 1.01 -0.99
C GLY A 59 -21.45 -0.36 -0.51
N ASP A 60 -21.02 -1.45 -1.16
CA ASP A 60 -21.34 -2.79 -0.68
C ASP A 60 -20.11 -3.48 -0.10
N ALA A 61 -20.03 -3.51 1.22
CA ALA A 61 -18.87 -4.06 1.91
C ALA A 61 -18.77 -5.56 1.77
N GLU A 62 -19.84 -6.22 1.34
CA GLU A 62 -19.76 -7.67 1.26
C GLU A 62 -19.07 -8.13 -0.01
N LYS A 63 -18.65 -7.18 -0.85
CA LYS A 63 -17.90 -7.51 -2.05
C LYS A 63 -16.43 -7.30 -1.81
N ILE A 64 -16.06 -6.89 -0.60
CA ILE A 64 -14.65 -6.56 -0.35
C ILE A 64 -14.02 -7.37 0.78
N ARG A 65 -14.75 -8.35 1.31
CA ARG A 65 -14.22 -9.17 2.38
C ARG A 65 -13.13 -10.12 1.90
N LEU A 66 -12.16 -10.38 2.77
CA LEU A 66 -11.11 -11.34 2.44
C LEU A 66 -11.61 -12.75 2.69
N ASP A 67 -11.21 -13.70 1.86
CA ASP A 67 -11.62 -15.08 2.08
C ASP A 67 -10.70 -15.77 3.09
N CYS A 68 -11.30 -16.23 4.18
CA CYS A 68 -10.56 -16.91 5.24
C CYS A 68 -10.78 -18.42 5.15
N LYS A 69 -11.38 -18.86 4.04
CA LYS A 69 -11.63 -20.27 3.77
C LYS A 69 -10.38 -21.11 3.92
N ARG A 70 -9.25 -20.62 3.41
CA ARG A 70 -8.00 -21.36 3.48
C ARG A 70 -7.34 -21.23 4.84
N ALA A 71 -8.01 -20.54 5.77
CA ALA A 71 -7.53 -20.46 7.15
C ALA A 71 -8.53 -21.05 8.16
N PRO A 72 -8.74 -22.37 8.09
CA PRO A 72 -9.69 -22.99 9.01
C PRO A 72 -9.19 -23.03 10.45
N GLU A 73 -10.12 -23.15 11.39
CA GLU A 73 -9.79 -23.33 12.80
C GLU A 73 -8.94 -22.17 13.32
N VAL A 74 -9.31 -20.94 12.96
CA VAL A 74 -8.67 -19.75 13.48
C VAL A 74 -9.68 -18.96 14.31
N GLU A 75 -9.30 -18.57 15.51
CA GLU A 75 -10.13 -17.65 16.27
C GLU A 75 -9.71 -16.23 15.97
N TRP A 76 -10.64 -15.47 15.39
CA TRP A 76 -10.46 -14.05 15.08
C TRP A 76 -11.10 -13.21 16.15
N LEU A 77 -10.28 -12.53 16.95
CA LEU A 77 -10.80 -11.64 17.98
C LEU A 77 -10.96 -10.24 17.39
N LEU A 78 -12.13 -10.00 16.78
CA LEU A 78 -12.42 -8.73 16.12
C LEU A 78 -12.89 -7.71 17.13
N GLY A 79 -12.53 -6.44 16.89
CA GLY A 79 -12.91 -5.34 17.76
C GLY A 79 -12.10 -5.30 19.05
N VAL A 80 -10.94 -5.95 19.03
CA VAL A 80 -10.09 -6.08 20.22
C VAL A 80 -8.71 -5.52 19.91
N THR A 81 -8.18 -4.71 20.83
CA THR A 81 -6.86 -4.08 20.64
C THR A 81 -5.81 -4.76 21.52
N ALA A 82 -4.71 -5.21 20.91
CA ALA A 82 -3.56 -5.65 21.71
C ALA A 82 -2.89 -4.43 22.30
N GLN A 83 -2.71 -4.41 23.61
CA GLN A 83 -2.21 -3.20 24.28
C GLN A 83 -0.71 -3.27 24.56
N SER A 84 -0.19 -4.47 24.75
CA SER A 84 1.23 -4.68 24.98
C SER A 84 1.53 -6.15 24.82
N PHE A 85 2.81 -6.49 24.69
CA PHE A 85 3.20 -7.88 24.85
C PHE A 85 4.45 -7.97 25.72
N ASP A 86 4.54 -9.06 26.46
CA ASP A 86 5.69 -9.32 27.34
C ASP A 86 6.43 -10.47 26.67
N PRO A 87 7.58 -10.16 26.05
CA PRO A 87 8.30 -11.18 25.29
C PRO A 87 9.03 -12.15 26.19
N GLN A 88 9.17 -11.81 27.47
CA GLN A 88 9.72 -12.75 28.44
C GLN A 88 8.67 -13.75 28.90
N ALA A 89 7.53 -13.23 29.36
CA ALA A 89 6.41 -14.06 29.78
C ALA A 89 5.74 -14.81 28.63
N HIS A 90 6.02 -14.35 27.40
CA HIS A 90 5.35 -14.82 26.18
C HIS A 90 3.83 -14.68 26.27
N THR A 91 3.39 -13.46 26.57
CA THR A 91 1.97 -13.14 26.71
C THR A 91 1.64 -11.83 26.01
N VAL A 92 0.37 -11.68 25.62
CA VAL A 92 -0.14 -10.45 25.03
C VAL A 92 -1.33 -9.98 25.85
N ALA A 93 -1.31 -8.70 26.22
CA ALA A 93 -2.40 -8.08 26.97
C ALA A 93 -3.45 -7.45 26.04
N LEU A 94 -4.70 -7.85 26.18
CA LEU A 94 -5.78 -7.34 25.32
C LEU A 94 -6.65 -6.29 26.01
N SER A 95 -7.22 -5.42 25.18
CA SER A 95 -8.07 -4.33 25.67
C SER A 95 -9.34 -4.81 26.37
N ASP A 96 -9.76 -6.05 26.13
CA ASP A 96 -10.96 -6.60 26.80
C ASP A 96 -10.64 -7.21 28.16
N GLY A 97 -9.40 -7.04 28.59
CA GLY A 97 -8.96 -7.58 29.88
C GLY A 97 -8.34 -8.96 29.87
N ARG A 98 -8.45 -9.70 28.78
CA ARG A 98 -7.84 -11.02 28.67
C ARG A 98 -6.36 -10.95 28.32
N THR A 99 -5.67 -12.07 28.53
CA THR A 99 -4.28 -12.22 28.17
C THR A 99 -4.17 -13.48 27.30
N LEU A 100 -3.37 -13.40 26.23
CA LEU A 100 -3.13 -14.55 25.37
C LEU A 100 -1.69 -15.03 25.56
N PRO A 101 -1.51 -16.35 25.71
CA PRO A 101 -0.15 -16.89 25.68
C PRO A 101 0.30 -17.11 24.24
N TYR A 102 1.60 -17.12 24.01
CA TYR A 102 2.10 -17.43 22.68
C TYR A 102 3.39 -18.22 22.70
N GLY A 103 3.55 -19.05 21.67
CA GLY A 103 4.85 -19.63 21.37
C GLY A 103 5.54 -18.79 20.33
N THR A 104 4.78 -18.34 19.34
CA THR A 104 5.27 -17.47 18.28
C THR A 104 4.31 -16.29 18.18
N LEU A 105 4.84 -15.07 18.26
CA LEU A 105 4.03 -13.86 18.10
C LEU A 105 4.33 -13.24 16.75
N VAL A 106 3.28 -12.81 16.03
CA VAL A 106 3.47 -12.26 14.68
C VAL A 106 2.80 -10.89 14.66
N LEU A 107 3.60 -9.86 14.41
CA LEU A 107 3.10 -8.51 14.38
C LEU A 107 2.72 -8.12 12.95
N ALA A 108 1.42 -7.98 12.69
CA ALA A 108 0.93 -7.65 11.34
C ALA A 108 -0.04 -6.48 11.44
N THR A 109 0.40 -5.47 12.17
CA THR A 109 -0.47 -4.37 12.57
C THR A 109 -0.53 -3.23 11.57
N GLY A 110 0.22 -3.32 10.47
CA GLY A 110 0.05 -2.39 9.36
C GLY A 110 0.53 -0.99 9.64
N ALA A 111 -0.21 -0.01 9.11
CA ALA A 111 0.18 1.40 9.20
C ALA A 111 -1.07 2.27 9.24
N ALA A 112 -0.95 3.49 9.74
CA ALA A 112 -2.09 4.39 9.82
C ALA A 112 -1.76 5.66 9.10
N PRO A 113 -2.77 6.38 8.59
CA PRO A 113 -2.44 7.61 7.85
C PRO A 113 -1.77 8.68 8.70
N ARG A 114 -0.82 9.39 8.10
CA ARG A 114 -0.22 10.55 8.74
C ARG A 114 -1.25 11.65 8.81
N ALA A 115 -1.33 12.33 9.95
CA ALA A 115 -2.17 13.51 10.08
C ALA A 115 -1.37 14.73 9.59
N LEU A 116 -2.10 15.77 9.17
CA LEU A 116 -1.48 17.04 8.78
C LEU A 116 -1.58 17.98 9.98
N PRO A 117 -0.42 18.30 10.61
CA PRO A 117 -0.42 19.10 11.85
C PRO A 117 -1.11 20.46 11.73
N THR A 118 -1.09 21.07 10.55
CA THR A 118 -1.72 22.38 10.34
C THR A 118 -3.24 22.35 10.28
N LEU A 119 -3.81 21.15 10.21
CA LEU A 119 -5.27 21.02 10.22
C LEU A 119 -5.78 20.39 11.52
N GLN A 120 -4.89 20.23 12.51
CA GLN A 120 -5.27 19.55 13.74
C GLN A 120 -6.47 20.21 14.45
N GLY A 121 -6.47 21.53 14.51
CA GLY A 121 -7.55 22.25 15.16
C GLY A 121 -8.62 22.76 14.21
N ALA A 122 -8.72 22.14 13.04
CA ALA A 122 -9.69 22.57 12.02
C ALA A 122 -11.14 22.40 12.48
N THR A 123 -12.01 23.26 11.95
CA THR A 123 -13.44 23.23 12.27
C THR A 123 -14.26 22.94 11.01
N MET A 124 -13.63 22.29 10.05
CA MET A 124 -14.32 21.80 8.86
C MET A 124 -13.98 20.32 8.76
N PRO A 125 -14.76 19.54 8.00
CA PRO A 125 -14.49 18.10 7.94
C PRO A 125 -13.09 17.79 7.37
N VAL A 126 -12.26 17.10 8.14
CA VAL A 126 -10.94 16.66 7.67
C VAL A 126 -10.79 15.17 7.94
N HIS A 127 -10.67 14.37 6.88
CA HIS A 127 -10.66 12.91 6.99
C HIS A 127 -9.41 12.31 6.37
N THR A 128 -9.08 11.10 6.78
CA THR A 128 -8.08 10.31 6.08
C THR A 128 -8.81 9.09 5.54
N LEU A 129 -8.15 8.33 4.68
CA LEU A 129 -8.84 7.23 4.02
C LEU A 129 -8.02 5.96 4.17
N ARG A 130 -8.38 5.16 5.18
CA ARG A 130 -7.68 3.91 5.40
C ARG A 130 -8.64 2.77 5.68
N THR A 131 -9.71 3.06 6.42
CA THR A 131 -10.61 2.00 6.88
C THR A 131 -11.98 2.05 6.26
N LEU A 132 -12.78 1.02 6.54
CA LEU A 132 -14.16 1.00 6.13
CA LEU A 132 -14.18 0.97 6.15
C LEU A 132 -14.90 2.17 6.74
N GLU A 133 -14.61 2.46 8.01
CA GLU A 133 -15.23 3.59 8.70
C GLU A 133 -14.88 4.92 8.02
N ASP A 134 -13.65 5.04 7.53
CA ASP A 134 -13.23 6.29 6.88
C ASP A 134 -13.98 6.45 5.59
N ALA A 135 -14.05 5.36 4.84
CA ALA A 135 -14.66 5.36 3.52
C ALA A 135 -16.12 5.75 3.67
N ARG A 136 -16.78 5.16 4.65
CA ARG A 136 -18.20 5.42 4.86
C ARG A 136 -18.43 6.88 5.22
N ARG A 137 -17.53 7.46 6.02
CA ARG A 137 -17.67 8.86 6.42
C ARG A 137 -17.44 9.83 5.27
N ILE A 138 -16.43 9.55 4.47
CA ILE A 138 -16.11 10.39 3.32
C ILE A 138 -17.26 10.30 2.33
N GLN A 139 -17.71 9.07 2.08
CA GLN A 139 -18.84 8.76 1.22
C GLN A 139 -20.08 9.58 1.56
N ALA A 140 -20.39 9.68 2.85
CA ALA A 140 -21.62 10.33 3.30
C ALA A 140 -21.51 11.85 3.37
N GLY A 141 -20.31 12.39 3.23
CA GLY A 141 -20.10 13.82 3.32
C GLY A 141 -19.85 14.44 1.96
N LEU A 142 -19.82 13.60 0.93
CA LEU A 142 -19.69 14.09 -0.44
C LEU A 142 -21.06 14.04 -1.09
N ARG A 143 -21.32 15.01 -1.96
CA ARG A 143 -22.52 15.05 -2.77
C ARG A 143 -22.07 15.51 -4.14
N PRO A 144 -22.85 15.20 -5.19
CA PRO A 144 -22.49 15.79 -6.47
C PRO A 144 -22.38 17.32 -6.36
N GLN A 145 -21.40 17.91 -7.04
CA GLN A 145 -21.12 19.35 -6.99
C GLN A 145 -20.64 19.87 -5.63
N SER A 146 -20.28 18.97 -4.72
CA SER A 146 -19.57 19.38 -3.51
C SER A 146 -18.13 19.68 -3.89
N ARG A 147 -17.38 20.33 -3.00
CA ARG A 147 -16.01 20.68 -3.30
C ARG A 147 -15.06 19.92 -2.38
N LEU A 148 -14.35 18.96 -2.95
CA LEU A 148 -13.39 18.15 -2.21
C LEU A 148 -11.96 18.65 -2.40
N LEU A 149 -11.26 18.88 -1.30
CA LEU A 149 -9.82 19.15 -1.38
C LEU A 149 -9.07 17.91 -0.93
N ILE A 150 -8.19 17.42 -1.78
CA ILE A 150 -7.30 16.32 -1.41
C ILE A 150 -5.89 16.85 -1.16
N VAL A 151 -5.31 16.49 -0.01
CA VAL A 151 -3.92 16.83 0.28
C VAL A 151 -3.08 15.59 0.09
N GLY A 152 -2.14 15.64 -0.87
CA GLY A 152 -1.34 14.48 -1.19
C GLY A 152 -1.61 13.92 -2.57
N GLY A 153 -0.55 13.81 -3.39
CA GLY A 153 -0.69 13.28 -4.73
C GLY A 153 -0.15 11.87 -4.87
N GLY A 154 -0.34 11.06 -3.84
CA GLY A 154 0.01 9.65 -3.89
C GLY A 154 -1.08 8.84 -4.56
N VAL A 155 -0.95 7.51 -4.60
CA VAL A 155 -1.95 6.71 -5.32
C VAL A 155 -3.34 6.75 -4.67
N ILE A 156 -3.39 6.91 -3.34
CA ILE A 156 -4.68 6.91 -2.66
C ILE A 156 -5.46 8.17 -2.99
N GLY A 157 -4.80 9.33 -2.85
CA GLY A 157 -5.41 10.59 -3.24
C GLY A 157 -5.85 10.58 -4.69
N LEU A 158 -5.02 10.05 -5.58
CA LEU A 158 -5.36 10.06 -7.00
C LEU A 158 -6.48 9.09 -7.32
N GLU A 159 -6.50 7.95 -6.65
CA GLU A 159 -7.60 7.01 -6.81
C GLU A 159 -8.91 7.65 -6.36
N LEU A 160 -8.86 8.37 -5.24
CA LEU A 160 -10.05 9.06 -4.73
C LEU A 160 -10.45 10.19 -5.67
N ALA A 161 -9.47 10.95 -6.16
CA ALA A 161 -9.72 11.98 -7.17
C ALA A 161 -10.55 11.45 -8.35
N ALA A 162 -10.15 10.31 -8.89
CA ALA A 162 -10.85 9.71 -10.02
C ALA A 162 -12.29 9.38 -9.65
N THR A 163 -12.46 8.73 -8.51
CA THR A 163 -13.80 8.32 -8.09
C THR A 163 -14.71 9.51 -7.81
N ALA A 164 -14.16 10.55 -7.18
CA ALA A 164 -14.91 11.75 -6.89
C ALA A 164 -15.34 12.46 -8.18
N ARG A 165 -14.42 12.58 -9.13
CA ARG A 165 -14.74 13.23 -10.40
C ARG A 165 -15.86 12.49 -11.13
N THR A 166 -15.79 11.16 -11.15
CA THR A 166 -16.82 10.33 -11.79
C THR A 166 -18.20 10.54 -11.12
N ALA A 167 -18.18 10.89 -9.84
CA ALA A 167 -19.40 11.13 -9.09
C ALA A 167 -19.92 12.57 -9.23
N GLY A 168 -19.16 13.42 -9.90
CA GLY A 168 -19.58 14.80 -10.11
C GLY A 168 -19.11 15.71 -9.00
N VAL A 169 -18.11 15.27 -8.25
CA VAL A 169 -17.53 16.09 -7.20
C VAL A 169 -16.40 16.91 -7.80
N HIS A 170 -16.34 18.19 -7.43
CA HIS A 170 -15.23 19.05 -7.86
C HIS A 170 -14.04 18.74 -6.99
N VAL A 171 -12.89 18.52 -7.61
CA VAL A 171 -11.72 18.07 -6.87
C VAL A 171 -10.54 19.02 -7.04
N SER A 172 -10.00 19.49 -5.93
CA SER A 172 -8.69 20.12 -5.99
CA SER A 172 -8.71 20.17 -5.93
C SER A 172 -7.70 19.26 -5.23
N LEU A 173 -6.43 19.36 -5.63
CA LEU A 173 -5.39 18.54 -5.04
C LEU A 173 -4.15 19.38 -4.81
N VAL A 174 -3.69 19.39 -3.57
CA VAL A 174 -2.49 20.11 -3.19
C VAL A 174 -1.36 19.10 -2.95
N GLU A 175 -0.22 19.32 -3.60
CA GLU A 175 0.94 18.45 -3.43
C GLU A 175 2.20 19.25 -3.16
N ARG A 176 2.96 18.79 -2.18
CA ARG A 176 4.19 19.45 -1.71
C ARG A 176 5.32 19.33 -2.74
N GLN A 177 5.33 18.25 -3.50
CA GLN A 177 6.37 17.95 -4.47
C GLN A 177 6.03 18.57 -5.81
N PRO A 178 7.02 18.69 -6.71
CA PRO A 178 6.68 19.24 -8.03
C PRO A 178 5.91 18.24 -8.90
N ARG A 179 5.79 17.00 -8.43
CA ARG A 179 5.11 15.95 -9.20
C ARG A 179 4.26 15.04 -8.31
N LEU A 180 3.36 14.30 -8.94
CA LEU A 180 2.55 13.29 -8.24
C LEU A 180 3.35 12.02 -8.08
N MET A 181 2.85 11.12 -7.23
CA MET A 181 3.42 9.78 -7.07
C MET A 181 4.94 9.78 -6.95
N SER A 182 5.47 10.68 -6.11
CA SER A 182 6.90 10.83 -5.91
CA SER A 182 6.91 10.79 -5.98
C SER A 182 7.51 9.58 -5.28
N ARG A 183 6.70 8.83 -4.55
CA ARG A 183 7.19 7.68 -3.80
C ARG A 183 7.83 6.57 -4.65
N ALA A 184 7.10 6.07 -5.64
CA ALA A 184 7.57 4.91 -6.39
C ALA A 184 7.14 4.89 -7.85
N ALA A 185 7.29 6.01 -8.54
CA ALA A 185 6.84 6.11 -9.94
C ALA A 185 7.88 6.81 -10.83
N PRO A 186 8.11 6.28 -12.04
CA PRO A 186 9.00 6.97 -12.97
C PRO A 186 8.45 8.36 -13.27
N ALA A 187 9.34 9.34 -13.43
CA ALA A 187 8.88 10.70 -13.73
C ALA A 187 8.01 10.76 -14.98
N THR A 188 8.32 9.92 -15.97
CA THR A 188 7.54 9.90 -17.20
C THR A 188 6.10 9.55 -16.89
N LEU A 189 5.91 8.54 -16.05
CA LEU A 189 4.57 8.14 -15.61
C LEU A 189 3.87 9.25 -14.82
N ALA A 190 4.57 9.81 -13.83
CA ALA A 190 4.00 10.86 -13.00
C ALA A 190 3.52 12.06 -13.82
N ASP A 191 4.32 12.49 -14.79
CA ASP A 191 3.94 13.61 -15.66
C ASP A 191 2.68 13.32 -16.45
N PHE A 192 2.62 12.14 -17.04
CA PHE A 192 1.43 11.74 -17.78
C PHE A 192 0.21 11.68 -16.88
N VAL A 193 0.38 11.16 -15.67
CA VAL A 193 -0.74 11.03 -14.74
C VAL A 193 -1.32 12.40 -14.36
N ALA A 194 -0.43 13.37 -14.18
CA ALA A 194 -0.86 14.74 -13.94
C ALA A 194 -1.65 15.25 -15.14
N ARG A 195 -1.16 14.95 -16.35
CA ARG A 195 -1.84 15.34 -17.57
C ARG A 195 -3.25 14.76 -17.61
N TYR A 196 -3.39 13.48 -17.26
CA TYR A 196 -4.69 12.81 -17.24
C TYR A 196 -5.68 13.45 -16.25
N HIS A 197 -5.24 13.68 -15.02
CA HIS A 197 -6.13 14.20 -14.01
C HIS A 197 -6.55 15.64 -14.27
N ALA A 198 -5.63 16.44 -14.81
CA ALA A 198 -5.95 17.80 -15.19
C ALA A 198 -7.03 17.81 -16.27
N ALA A 199 -6.93 16.88 -17.21
CA ALA A 199 -7.91 16.80 -18.30
C ALA A 199 -9.27 16.31 -17.81
N GLN A 200 -9.29 15.61 -16.68
CA GLN A 200 -10.56 15.14 -16.12
C GLN A 200 -11.15 16.15 -15.15
N GLY A 201 -10.55 17.33 -15.11
CA GLY A 201 -11.06 18.41 -14.29
C GLY A 201 -10.48 18.58 -12.89
N VAL A 202 -9.49 17.76 -12.51
CA VAL A 202 -8.85 17.95 -11.22
C VAL A 202 -8.01 19.24 -11.20
N ASP A 203 -8.22 20.06 -10.18
CA ASP A 203 -7.47 21.31 -10.04
C ASP A 203 -6.18 21.06 -9.22
N LEU A 204 -5.10 20.80 -9.94
CA LEU A 204 -3.81 20.46 -9.33
C LEU A 204 -2.97 21.67 -8.88
N ARG A 205 -2.49 21.63 -7.64
CA ARG A 205 -1.63 22.67 -7.10
CA ARG A 205 -1.63 22.67 -7.10
C ARG A 205 -0.30 22.06 -6.65
N PHE A 206 0.75 22.24 -7.44
CA PHE A 206 2.05 21.67 -7.08
C PHE A 206 2.91 22.61 -6.27
N GLU A 207 3.87 22.03 -5.56
CA GLU A 207 4.78 22.75 -4.68
C GLU A 207 4.02 23.71 -3.77
N ARG A 208 2.93 23.20 -3.21
CA ARG A 208 2.15 23.94 -2.23
C ARG A 208 1.94 23.06 -1.02
N SER A 209 1.91 23.70 0.16
CA SER A 209 1.62 23.02 1.40
C SER A 209 0.47 23.73 2.11
N VAL A 210 -0.30 22.98 2.89
CA VAL A 210 -1.35 23.58 3.71
C VAL A 210 -0.73 24.18 4.98
N THR A 211 -1.01 25.47 5.22
CA THR A 211 -0.47 26.16 6.40
C THR A 211 -1.48 26.25 7.53
N GLY A 212 -2.72 25.91 7.22
CA GLY A 212 -3.79 25.99 8.20
C GLY A 212 -5.14 26.15 7.54
N SER A 213 -6.15 26.54 8.33
CA SER A 213 -7.48 26.75 7.78
C SER A 213 -8.34 27.65 8.67
N VAL A 214 -9.33 28.31 8.06
CA VAL A 214 -10.23 29.22 8.78
C VAL A 214 -11.64 29.14 8.23
N ASP A 215 -12.58 28.68 9.05
CA ASP A 215 -14.01 28.65 8.72
C ASP A 215 -14.38 28.16 7.33
N GLY A 216 -13.95 26.95 6.99
CA GLY A 216 -14.33 26.34 5.73
C GLY A 216 -13.40 26.62 4.56
N VAL A 217 -12.28 27.30 4.83
CA VAL A 217 -11.32 27.59 3.79
C VAL A 217 -9.94 27.08 4.19
N VAL A 218 -9.24 26.42 3.27
CA VAL A 218 -7.89 25.94 3.54
C VAL A 218 -6.84 26.99 3.11
N LEU A 219 -5.83 27.20 3.94
CA LEU A 219 -4.81 28.21 3.65
C LEU A 219 -3.51 27.54 3.18
N LEU A 220 -2.91 28.08 2.13
CA LEU A 220 -1.68 27.51 1.58
C LEU A 220 -0.48 28.40 1.87
N ASP A 221 0.71 27.87 1.58
CA ASP A 221 1.96 28.53 1.91
C ASP A 221 2.33 29.64 0.93
N ASP A 222 1.59 29.75 -0.17
CA ASP A 222 1.87 30.81 -1.13
C ASP A 222 0.96 32.00 -0.85
N GLY A 223 0.42 32.02 0.37
CA GLY A 223 -0.45 33.09 0.82
C GLY A 223 -1.87 33.06 0.30
N THR A 224 -2.27 31.94 -0.34
CA THR A 224 -3.61 31.86 -0.93
C THR A 224 -4.59 30.94 -0.18
N ARG A 225 -5.79 30.79 -0.74
CA ARG A 225 -6.90 30.12 -0.08
C ARG A 225 -7.59 29.14 -1.02
N ILE A 226 -8.10 28.02 -0.47
CA ILE A 226 -8.96 27.11 -1.22
C ILE A 226 -10.19 26.81 -0.39
N ALA A 227 -11.38 27.04 -0.95
CA ALA A 227 -12.61 26.72 -0.23
C ALA A 227 -13.07 25.32 -0.61
N ALA A 228 -13.29 24.48 0.39
CA ALA A 228 -13.79 23.13 0.15
C ALA A 228 -14.81 22.73 1.20
N ASP A 229 -15.64 21.75 0.86
CA ASP A 229 -16.64 21.25 1.79
C ASP A 229 -16.05 20.16 2.66
N MET A 230 -14.94 19.59 2.19
CA MET A 230 -14.30 18.47 2.87
C MET A 230 -12.85 18.38 2.45
N VAL A 231 -11.98 18.04 3.40
CA VAL A 231 -10.58 17.77 3.11
C VAL A 231 -10.33 16.29 3.36
N VAL A 232 -9.69 15.63 2.41
CA VAL A 232 -9.20 14.27 2.65
C VAL A 232 -7.68 14.34 2.57
N VAL A 233 -7.03 13.92 3.64
CA VAL A 233 -5.57 13.99 3.74
C VAL A 233 -4.99 12.63 3.41
N GLY A 234 -4.08 12.62 2.42
CA GLY A 234 -3.43 11.40 1.99
C GLY A 234 -1.97 11.68 1.73
N ILE A 235 -1.24 11.94 2.83
CA ILE A 235 0.16 12.27 2.73
C ILE A 235 1.02 11.12 3.26
N GLY A 236 0.53 9.91 3.08
CA GLY A 236 1.28 8.71 3.46
C GLY A 236 0.85 8.09 4.78
N VAL A 237 1.51 6.99 5.14
CA VAL A 237 1.14 6.28 6.36
C VAL A 237 2.37 6.12 7.24
N LEU A 238 2.12 5.81 8.50
CA LEU A 238 3.15 5.60 9.51
C LEU A 238 2.94 4.23 10.10
N ALA A 239 4.01 3.47 10.30
CA ALA A 239 3.88 2.12 10.83
C ALA A 239 3.23 2.08 12.20
N ASN A 240 2.39 1.07 12.41
CA ASN A 240 1.81 0.84 13.71
C ASN A 240 2.75 -0.05 14.51
N ASP A 241 3.87 0.52 14.95
CA ASP A 241 4.87 -0.29 15.58
C ASP A 241 5.01 0.02 17.08
N ALA A 242 3.99 0.61 17.68
CA ALA A 242 4.04 1.00 19.10
C ALA A 242 4.29 -0.16 20.05
N LEU A 243 3.68 -1.31 19.80
CA LEU A 243 3.82 -2.41 20.73
C LEU A 243 5.25 -2.91 20.64
N ALA A 244 5.78 -2.95 19.43
CA ALA A 244 7.16 -3.39 19.20
C ALA A 244 8.17 -2.46 19.86
N ARG A 245 7.94 -1.16 19.75
CA ARG A 245 8.87 -0.18 20.36
C ARG A 245 8.88 -0.32 21.86
N ALA A 246 7.69 -0.48 22.45
CA ALA A 246 7.56 -0.57 23.91
C ALA A 246 8.23 -1.84 24.41
N ALA A 247 8.18 -2.89 23.60
CA ALA A 247 8.69 -4.19 24.01
C ALA A 247 10.19 -4.36 23.74
N GLY A 248 10.80 -3.37 23.11
CA GLY A 248 12.25 -3.39 22.95
C GLY A 248 12.77 -3.93 21.63
N LEU A 249 11.90 -3.98 20.62
CA LEU A 249 12.31 -4.41 19.29
C LEU A 249 12.95 -3.24 18.53
N ALA A 250 13.85 -3.55 17.62
CA ALA A 250 14.41 -2.51 16.75
C ALA A 250 13.36 -1.99 15.75
N CYS A 251 13.10 -0.68 15.81
CA CYS A 251 12.08 -0.04 14.97
C CYS A 251 12.46 1.38 14.63
N ASP A 252 11.97 1.84 13.49
CA ASP A 252 12.18 3.23 13.09
C ASP A 252 11.12 3.51 12.03
N ASP A 253 9.94 3.89 12.50
CA ASP A 253 8.76 3.99 11.62
C ASP A 253 8.65 2.68 10.86
N GLY A 254 8.54 1.60 11.61
CA GLY A 254 8.52 0.27 11.02
C GLY A 254 9.45 -0.69 11.75
N ILE A 255 9.02 -1.95 11.86
CA ILE A 255 9.77 -2.97 12.60
C ILE A 255 10.78 -3.59 11.65
N PHE A 256 12.06 -3.56 12.01
CA PHE A 256 13.08 -4.16 11.17
C PHE A 256 12.95 -5.66 11.15
N VAL A 257 12.84 -6.22 9.95
CA VAL A 257 12.84 -7.67 9.80
C VAL A 257 13.80 -8.14 8.72
N ASP A 258 14.29 -9.37 8.87
CA ASP A 258 15.04 -10.04 7.81
C ASP A 258 14.07 -10.79 6.88
N ALA A 259 14.62 -11.58 5.97
CA ALA A 259 13.81 -12.25 4.95
C ALA A 259 12.97 -13.37 5.53
N TYR A 260 13.21 -13.71 6.79
CA TYR A 260 12.41 -14.72 7.45
C TYR A 260 11.30 -14.07 8.27
N GLY A 261 11.26 -12.74 8.29
CA GLY A 261 10.26 -12.04 9.08
C GLY A 261 10.66 -11.92 10.55
N ARG A 262 11.88 -12.30 10.89
CA ARG A 262 12.36 -12.16 12.27
C ARG A 262 12.64 -10.71 12.67
N THR A 263 12.14 -10.35 13.85
CA THR A 263 12.50 -9.10 14.49
C THR A 263 13.73 -9.37 15.35
N THR A 264 14.18 -8.35 16.06
CA THR A 264 15.31 -8.51 16.96
C THR A 264 14.93 -9.20 18.25
N CYS A 265 13.65 -9.47 18.45
CA CYS A 265 13.20 -10.17 19.65
C CYS A 265 12.90 -11.64 19.33
N PRO A 266 13.57 -12.58 20.03
CA PRO A 266 13.27 -14.00 19.82
C PRO A 266 11.77 -14.34 19.90
N ASP A 267 11.32 -15.17 18.96
CA ASP A 267 9.94 -15.67 18.89
C ASP A 267 8.93 -14.61 18.46
N VAL A 268 9.42 -13.42 18.10
CA VAL A 268 8.54 -12.40 17.56
C VAL A 268 8.88 -12.11 16.11
N TYR A 269 7.86 -12.18 15.25
CA TYR A 269 7.99 -11.96 13.81
C TYR A 269 7.13 -10.76 13.43
N ALA A 270 7.37 -10.19 12.25
CA ALA A 270 6.51 -9.12 11.75
C ALA A 270 6.41 -9.21 10.22
N LEU A 271 5.29 -8.73 9.69
CA LEU A 271 5.12 -8.78 8.25
C LEU A 271 4.14 -7.73 7.77
N GLY A 272 4.20 -7.42 6.49
CA GLY A 272 3.30 -6.44 5.89
C GLY A 272 3.75 -5.00 6.04
N ASP A 273 2.77 -4.11 6.03
CA ASP A 273 3.00 -2.68 6.08
C ASP A 273 3.78 -2.21 7.31
N VAL A 274 3.73 -2.97 8.40
CA VAL A 274 4.41 -2.54 9.61
C VAL A 274 5.93 -2.69 9.52
N THR A 275 6.41 -3.40 8.49
CA THR A 275 7.83 -3.77 8.46
C THR A 275 8.72 -2.86 7.65
N ARG A 276 9.95 -2.73 8.14
CA ARG A 276 11.01 -2.15 7.33
C ARG A 276 11.89 -3.32 6.92
N GLN A 277 12.15 -3.47 5.63
CA GLN A 277 12.75 -4.70 5.11
C GLN A 277 13.62 -4.45 3.89
N ARG A 278 14.39 -5.45 3.48
CA ARG A 278 15.30 -5.25 2.36
C ARG A 278 14.59 -5.29 1.01
N ASN A 279 14.84 -4.27 0.21
CA ASN A 279 14.40 -4.25 -1.19
C ASN A 279 15.59 -4.81 -1.98
N PRO A 280 15.42 -6.01 -2.57
CA PRO A 280 16.58 -6.69 -3.18
C PRO A 280 17.15 -5.94 -4.37
N LEU A 281 16.35 -5.07 -4.98
CA LEU A 281 16.80 -4.28 -6.12
C LEU A 281 17.74 -3.15 -5.74
N SER A 282 17.33 -2.36 -4.76
CA SER A 282 18.13 -1.24 -4.30
C SER A 282 19.15 -1.69 -3.26
N GLY A 283 18.90 -2.86 -2.66
CA GLY A 283 19.74 -3.38 -1.60
C GLY A 283 19.65 -2.56 -0.32
N ARG A 284 18.63 -1.72 -0.22
CA ARG A 284 18.44 -0.89 0.95
C ARG A 284 17.20 -1.32 1.70
N PHE A 285 17.12 -0.96 2.98
CA PHE A 285 15.90 -1.23 3.74
C PHE A 285 14.89 -0.14 3.46
N GLU A 286 13.64 -0.56 3.37
CA GLU A 286 12.52 0.32 3.01
CA GLU A 286 12.52 0.27 2.95
C GLU A 286 11.26 -0.21 3.67
N ARG A 287 10.33 0.69 3.95
CA ARG A 287 9.03 0.23 4.37
C ARG A 287 8.17 0.14 3.10
N ILE A 288 7.85 -1.08 2.71
CA ILE A 288 7.11 -1.34 1.47
C ILE A 288 5.62 -1.44 1.83
N GLU A 289 4.79 -0.66 1.15
CA GLU A 289 3.39 -0.50 1.54
C GLU A 289 2.43 -1.11 0.52
N THR A 290 2.91 -2.03 -0.30
CA THR A 290 2.11 -2.53 -1.40
C THR A 290 1.22 -3.70 -0.99
N TRP A 291 0.09 -3.84 -1.69
CA TRP A 291 -0.78 -4.97 -1.51
C TRP A 291 0.01 -6.27 -1.72
N SER A 292 0.79 -6.32 -2.79
CA SER A 292 1.53 -7.54 -3.14
C SER A 292 2.53 -7.89 -2.05
N ASN A 293 3.15 -6.90 -1.43
CA ASN A 293 4.06 -7.22 -0.34
C ASN A 293 3.31 -7.82 0.86
N ALA A 294 2.20 -7.19 1.22
CA ALA A 294 1.41 -7.69 2.33
C ALA A 294 1.08 -9.15 2.14
N GLN A 295 0.54 -9.50 0.98
CA GLN A 295 0.17 -10.89 0.73
C GLN A 295 1.40 -11.76 0.65
N ASN A 296 2.38 -11.35 -0.12
CA ASN A 296 3.48 -12.24 -0.46
C ASN A 296 4.49 -12.40 0.66
N GLN A 297 4.77 -11.33 1.38
CA GLN A 297 5.65 -11.44 2.54
C GLN A 297 4.97 -12.30 3.60
N GLY A 298 3.67 -12.14 3.76
CA GLY A 298 2.94 -12.92 4.75
C GLY A 298 3.02 -14.41 4.44
N ILE A 299 2.79 -14.77 3.17
CA ILE A 299 2.91 -16.16 2.74
C ILE A 299 4.34 -16.69 2.93
N ALA A 300 5.34 -15.90 2.52
CA ALA A 300 6.74 -16.32 2.61
C ALA A 300 7.18 -16.59 4.05
N VAL A 301 6.83 -15.69 4.97
CA VAL A 301 7.15 -15.87 6.37
C VAL A 301 6.48 -17.11 6.96
N ALA A 302 5.21 -17.31 6.65
CA ALA A 302 4.49 -18.49 7.11
C ALA A 302 5.15 -19.78 6.61
N ARG A 303 5.45 -19.82 5.31
CA ARG A 303 6.02 -21.00 4.66
C ARG A 303 7.31 -21.42 5.35
N HIS A 304 8.19 -20.45 5.58
CA HIS A 304 9.47 -20.72 6.21
C HIS A 304 9.34 -21.11 7.69
N LEU A 305 8.31 -20.61 8.37
CA LEU A 305 8.06 -21.02 9.74
C LEU A 305 7.66 -22.50 9.85
N VAL A 306 6.82 -22.97 8.92
CA VAL A 306 6.39 -24.37 8.93
C VAL A 306 7.51 -25.27 8.40
N ASP A 307 8.18 -24.77 7.37
CA ASP A 307 9.27 -25.50 6.70
C ASP A 307 10.52 -24.63 6.60
N PRO A 308 11.43 -24.76 7.59
CA PRO A 308 12.62 -23.91 7.66
C PRO A 308 13.61 -24.11 6.52
N THR A 309 13.37 -25.08 5.64
CA THR A 309 14.24 -25.26 4.48
C THR A 309 13.79 -24.38 3.32
N ALA A 310 12.58 -23.85 3.41
CA ALA A 310 12.09 -22.92 2.42
C ALA A 310 12.93 -21.65 2.44
N PRO A 311 13.10 -21.00 1.28
CA PRO A 311 13.87 -19.77 1.19
C PRO A 311 13.14 -18.63 1.88
N GLY A 312 13.85 -17.58 2.22
CA GLY A 312 13.22 -16.41 2.81
C GLY A 312 12.47 -15.64 1.75
N TYR A 313 11.74 -14.61 2.16
CA TYR A 313 11.03 -13.76 1.23
C TYR A 313 12.03 -13.14 0.24
N ALA A 314 11.69 -13.21 -1.05
CA ALA A 314 12.62 -12.84 -2.10
C ALA A 314 12.01 -12.02 -3.22
N GLU A 315 10.71 -11.76 -3.14
CA GLU A 315 10.00 -11.03 -4.21
C GLU A 315 10.50 -9.60 -4.41
N LEU A 316 10.47 -9.13 -5.66
CA LEU A 316 10.77 -7.74 -5.94
C LEU A 316 9.47 -6.94 -5.93
N PRO A 317 9.54 -5.70 -5.46
CA PRO A 317 8.31 -4.93 -5.23
C PRO A 317 7.56 -4.56 -6.50
N TRP A 318 6.23 -4.64 -6.45
CA TRP A 318 5.39 -4.13 -7.53
C TRP A 318 4.03 -3.70 -6.98
N TYR A 319 3.36 -2.84 -7.72
CA TYR A 319 2.00 -2.46 -7.35
C TYR A 319 1.19 -2.10 -8.58
N TRP A 320 -0.12 -1.96 -8.39
CA TRP A 320 -0.98 -1.36 -9.39
C TRP A 320 -1.69 -0.17 -8.75
N SER A 321 -2.32 0.66 -9.59
CA SER A 321 -3.17 1.72 -9.11
C SER A 321 -4.19 1.96 -10.19
N ASP A 322 -5.47 1.83 -9.85
CA ASP A 322 -6.52 2.16 -10.82
C ASP A 322 -7.01 3.58 -10.64
N GLN A 323 -6.76 4.42 -11.65
CA GLN A 323 -7.13 5.82 -11.58
C GLN A 323 -7.97 6.16 -12.78
N GLY A 324 -9.29 6.06 -12.62
CA GLY A 324 -10.19 6.30 -13.74
C GLY A 324 -9.85 5.44 -14.95
N ALA A 325 -9.58 6.10 -16.07
CA ALA A 325 -9.29 5.42 -17.32
C ALA A 325 -7.90 4.76 -17.32
N LEU A 326 -7.07 5.10 -16.34
CA LEU A 326 -5.70 4.56 -16.29
C LEU A 326 -5.60 3.36 -15.35
N ARG A 327 -5.30 2.19 -15.93
CA ARG A 327 -4.94 1.03 -15.13
C ARG A 327 -3.42 0.96 -15.10
N ILE A 328 -2.83 1.44 -14.00
CA ILE A 328 -1.38 1.60 -13.87
C ILE A 328 -0.77 0.40 -13.17
N GLN A 329 0.30 -0.16 -13.73
CA GLN A 329 1.08 -1.18 -13.05
C GLN A 329 2.55 -0.77 -13.05
N VAL A 330 3.21 -0.90 -11.89
CA VAL A 330 4.60 -0.48 -11.75
C VAL A 330 5.40 -1.53 -11.00
N ALA A 331 6.52 -1.95 -11.60
CA ALA A 331 7.38 -2.91 -10.92
C ALA A 331 8.80 -2.37 -10.76
N GLY A 332 9.45 -2.70 -9.66
CA GLY A 332 10.85 -2.37 -9.49
C GLY A 332 11.19 -0.92 -9.19
N LEU A 333 12.37 -0.50 -9.64
CA LEU A 333 12.87 0.84 -9.37
C LEU A 333 12.28 1.83 -10.36
N ALA A 334 12.04 3.04 -9.88
CA ALA A 334 11.41 4.07 -10.70
C ALA A 334 12.36 4.53 -11.80
N SER A 335 13.67 4.36 -11.57
CA SER A 335 14.67 4.87 -12.50
C SER A 335 15.94 4.02 -12.55
N GLY A 336 16.68 4.15 -13.66
CA GLY A 336 17.97 3.50 -13.81
C GLY A 336 18.91 4.47 -14.51
N ASP A 337 19.62 4.01 -15.53
CA ASP A 337 20.42 4.93 -16.33
C ASP A 337 19.81 5.11 -17.72
N GLU A 338 18.69 4.44 -17.96
CA GLU A 338 18.05 4.43 -19.26
C GLU A 338 16.56 4.11 -19.11
N GLU A 339 15.71 4.87 -19.80
CA GLU A 339 14.31 4.47 -19.91
C GLU A 339 13.95 4.19 -21.37
N ILE A 340 13.33 3.04 -21.60
CA ILE A 340 12.82 2.68 -22.92
C ILE A 340 11.30 2.82 -22.93
N VAL A 341 10.77 3.55 -23.91
CA VAL A 341 9.33 3.76 -24.02
C VAL A 341 8.72 2.95 -25.17
N ARG A 342 7.81 2.02 -24.84
CA ARG A 342 7.11 1.21 -25.84
C ARG A 342 5.69 1.74 -26.03
N GLY A 343 5.40 2.26 -27.21
CA GLY A 343 4.08 2.82 -27.49
C GLY A 343 4.07 4.32 -27.36
N GLU A 344 2.91 4.92 -27.60
CA GLU A 344 2.77 6.37 -27.53
C GLU A 344 2.20 6.78 -26.18
N VAL A 345 2.74 7.86 -25.60
CA VAL A 345 2.24 8.40 -24.35
C VAL A 345 1.20 9.48 -24.67
N SER A 346 -0.07 9.08 -24.65
CA SER A 346 -1.14 9.91 -25.18
C SER A 346 -2.46 9.82 -24.40
N LEU A 347 -3.12 10.96 -24.22
CA LEU A 347 -4.43 11.00 -23.55
C LEU A 347 -5.51 10.44 -24.47
N ASP A 348 -5.17 10.32 -25.75
CA ASP A 348 -6.02 9.64 -26.70
C ASP A 348 -5.82 8.15 -26.56
N ALA A 349 -6.72 7.51 -25.82
CA ALA A 349 -6.67 6.07 -25.58
C ALA A 349 -5.32 5.63 -25.03
N PRO A 350 -5.03 5.99 -23.78
CA PRO A 350 -3.69 5.83 -23.22
C PRO A 350 -3.30 4.37 -23.14
N LYS A 351 -2.09 4.07 -23.61
CA LYS A 351 -1.60 2.70 -23.62
C LYS A 351 -0.12 2.74 -23.90
N PHE A 352 0.69 2.39 -22.90
CA PHE A 352 2.13 2.38 -23.08
C PHE A 352 2.85 1.60 -22.00
N THR A 353 4.13 1.34 -22.27
CA THR A 353 4.97 0.57 -21.39
C THR A 353 6.31 1.26 -21.26
N LEU A 354 6.79 1.42 -20.03
CA LEU A 354 8.11 1.96 -19.77
C LEU A 354 8.98 0.84 -19.26
N ILE A 355 10.26 0.90 -19.62
CA ILE A 355 11.22 -0.06 -19.08
C ILE A 355 12.44 0.71 -18.56
N GLU A 356 12.80 0.48 -17.31
CA GLU A 356 13.98 1.13 -16.72
C GLU A 356 15.17 0.17 -16.71
N LEU A 357 16.29 0.64 -17.24
CA LEU A 357 17.49 -0.21 -17.24
C LEU A 357 18.62 0.43 -16.47
N GLN A 358 19.45 -0.43 -15.90
CA GLN A 358 20.68 -0.05 -15.22
C GLN A 358 21.80 -0.90 -15.81
N LYS A 359 22.69 -0.25 -16.55
CA LYS A 359 23.82 -0.93 -17.18
C LYS A 359 23.40 -2.17 -17.97
N GLY A 360 22.37 -1.99 -18.78
CA GLY A 360 21.88 -3.05 -19.65
C GLY A 360 20.82 -3.92 -19.01
N ARG A 361 20.70 -3.84 -17.69
CA ARG A 361 19.81 -4.73 -16.94
C ARG A 361 18.47 -4.07 -16.60
N ILE A 362 17.38 -4.80 -16.81
CA ILE A 362 16.06 -4.30 -16.43
C ILE A 362 15.96 -4.24 -14.92
N VAL A 363 15.65 -3.06 -14.40
CA VAL A 363 15.52 -2.86 -12.96
C VAL A 363 14.13 -2.30 -12.60
N GLY A 364 13.30 -2.06 -13.61
CA GLY A 364 11.94 -1.61 -13.35
C GLY A 364 11.11 -1.52 -14.62
N ALA A 365 9.78 -1.49 -14.48
CA ALA A 365 8.89 -1.41 -15.63
C ALA A 365 7.55 -0.80 -15.23
N THR A 366 6.89 -0.16 -16.19
CA THR A 366 5.57 0.41 -15.98
C THR A 366 4.68 -0.04 -17.12
N CYS A 367 3.44 -0.43 -16.82
CA CYS A 367 2.45 -0.57 -17.89
C CYS A 367 1.22 0.26 -17.58
N VAL A 368 0.77 1.00 -18.57
CA VAL A 368 -0.49 1.72 -18.45
C VAL A 368 -1.46 1.13 -19.45
N ASN A 369 -2.55 0.53 -18.96
CA ASN A 369 -3.52 -0.11 -19.82
C ASN A 369 -2.91 -1.18 -20.72
N ASN A 370 -1.97 -1.94 -20.16
CA ASN A 370 -1.29 -3.00 -20.90
C ASN A 370 -0.84 -4.15 -20.01
N ALA A 371 -1.81 -4.78 -19.34
CA ALA A 371 -1.55 -5.86 -18.40
C ALA A 371 -0.77 -7.01 -19.03
N ARG A 372 -1.06 -7.32 -20.29
CA ARG A 372 -0.46 -8.47 -20.95
C ARG A 372 1.07 -8.41 -20.98
N ASP A 373 1.60 -7.19 -21.13
CA ASP A 373 3.04 -6.98 -21.13
C ASP A 373 3.65 -6.98 -19.71
N PHE A 374 2.83 -6.73 -18.70
CA PHE A 374 3.38 -6.55 -17.35
C PHE A 374 3.91 -7.83 -16.70
N ALA A 375 3.19 -8.93 -16.87
CA ALA A 375 3.66 -10.20 -16.32
C ALA A 375 5.02 -10.65 -16.87
N PRO A 376 5.21 -10.64 -18.21
CA PRO A 376 6.53 -11.00 -18.71
C PRO A 376 7.63 -10.01 -18.30
N LEU A 377 7.31 -8.72 -18.24
CA LEU A 377 8.30 -7.75 -17.77
C LEU A 377 8.71 -8.03 -16.31
N ARG A 378 7.78 -8.51 -15.50
CA ARG A 378 8.10 -8.85 -14.12
C ARG A 378 9.03 -10.05 -14.05
N ARG A 379 8.87 -10.98 -14.99
CA ARG A 379 9.75 -12.14 -15.04
C ARG A 379 11.17 -11.75 -15.47
N LEU A 380 11.27 -10.86 -16.46
CA LEU A 380 12.56 -10.38 -16.92
C LEU A 380 13.27 -9.62 -15.80
N LEU A 381 12.50 -8.83 -15.07
CA LEU A 381 13.01 -8.08 -13.92
C LEU A 381 13.59 -9.01 -12.86
N ALA A 382 12.90 -10.11 -12.59
CA ALA A 382 13.27 -11.02 -11.50
C ALA A 382 14.63 -11.69 -11.75
N VAL A 383 14.89 -12.07 -12.99
CA VAL A 383 16.12 -12.75 -13.38
C VAL A 383 17.22 -11.79 -13.85
N GLY A 384 16.99 -10.49 -13.68
CA GLY A 384 17.98 -9.49 -14.03
C GLY A 384 18.36 -9.48 -15.50
N ALA A 385 17.37 -9.65 -16.36
CA ALA A 385 17.57 -9.78 -17.80
C ALA A 385 18.29 -8.59 -18.43
N LYS A 386 19.05 -8.87 -19.50
CA LYS A 386 19.70 -7.81 -20.28
C LYS A 386 19.34 -7.91 -21.76
N PRO A 387 18.07 -7.68 -22.11
CA PRO A 387 17.67 -7.81 -23.52
C PRO A 387 18.33 -6.73 -24.38
N ASP A 388 18.38 -6.98 -25.69
CA ASP A 388 18.86 -5.98 -26.63
C ASP A 388 17.95 -4.75 -26.54
N ARG A 389 18.53 -3.60 -26.18
CA ARG A 389 17.73 -2.39 -25.98
C ARG A 389 16.95 -2.01 -27.25
N ALA A 390 17.52 -2.34 -28.41
CA ALA A 390 16.85 -2.11 -29.67
C ALA A 390 15.55 -2.92 -29.78
N ALA A 391 15.63 -4.20 -29.40
CA ALA A 391 14.45 -5.05 -29.41
C ALA A 391 13.42 -4.61 -28.36
N LEU A 392 13.89 -4.04 -27.25
CA LEU A 392 12.98 -3.56 -26.22
C LEU A 392 12.14 -2.38 -26.71
N ALA A 393 12.71 -1.54 -27.56
CA ALA A 393 12.01 -0.38 -28.08
C ALA A 393 11.10 -0.72 -29.27
N ASP A 394 11.56 -1.66 -30.10
CA ASP A 394 10.87 -2.08 -31.31
C ASP A 394 9.46 -2.59 -30.98
N PRO A 395 8.43 -1.93 -31.54
CA PRO A 395 7.01 -2.26 -31.30
C PRO A 395 6.68 -3.69 -31.71
N ALA A 396 7.48 -4.24 -32.62
CA ALA A 396 7.22 -5.55 -33.19
C ALA A 396 7.68 -6.69 -32.29
N THR A 397 8.31 -6.35 -31.17
CA THR A 397 8.85 -7.35 -30.26
C THR A 397 7.78 -7.91 -29.32
N ASP A 398 7.77 -9.23 -29.16
CA ASP A 398 6.86 -9.88 -28.23
C ASP A 398 7.60 -10.11 -26.91
N LEU A 399 7.29 -9.27 -25.92
CA LEU A 399 7.94 -9.35 -24.62
C LEU A 399 7.63 -10.69 -23.95
N ARG A 400 6.46 -11.26 -24.24
CA ARG A 400 6.11 -12.57 -23.71
C ARG A 400 7.02 -13.64 -24.28
N LYS A 401 7.26 -13.60 -25.58
CA LYS A 401 8.20 -14.50 -26.23
C LYS A 401 9.58 -14.36 -25.61
N LEU A 402 10.10 -13.13 -25.68
CA LEU A 402 11.37 -12.76 -25.06
C LEU A 402 11.51 -13.31 -23.65
N ALA A 403 10.48 -13.10 -22.84
CA ALA A 403 10.48 -13.54 -21.45
C ALA A 403 10.57 -15.05 -21.31
N ALA A 404 10.05 -15.77 -22.30
CA ALA A 404 9.99 -17.23 -22.25
C ALA A 404 11.35 -17.90 -22.42
N ALA A 405 12.26 -17.22 -23.12
CA ALA A 405 13.61 -17.75 -23.36
C ALA A 405 14.37 -18.04 -22.07
PA NDP B . 2.17 8.90 -0.33
O1A NDP B . 3.05 8.04 0.57
O2A NDP B . 2.27 8.39 -1.72
O5B NDP B . 2.68 10.41 -0.26
C5B NDP B . 2.11 11.37 -1.00
C4B NDP B . 2.66 12.75 -0.93
O4B NDP B . 2.42 13.30 0.32
C3B NDP B . 4.13 12.71 -1.10
O3B NDP B . 4.50 13.41 -2.28
C2B NDP B . 4.67 13.36 0.03
O2B NDP B . 5.68 14.25 -0.33
C1B NDP B . 3.53 14.07 0.60
N9A NDP B . 3.74 14.27 2.05
C8A NDP B . 4.27 13.36 2.91
N7A NDP B . 4.33 13.91 4.14
C5A NDP B . 3.84 15.16 4.09
C6A NDP B . 3.63 16.20 5.01
N6A NDP B . 3.98 16.03 6.37
N1A NDP B . 3.09 17.39 4.62
C2A NDP B . 2.75 17.58 3.35
N3A NDP B . 2.93 16.60 2.42
C4A NDP B . 3.47 15.40 2.76
O3 NDP B . 0.62 8.94 0.19
PN NDP B . -0.45 7.69 0.31
O1N NDP B . -1.45 8.08 1.41
O2N NDP B . -1.15 7.50 -0.99
O5D NDP B . 0.36 6.36 0.72
C5D NDP B . -0.24 5.12 1.00
C4D NDP B . -0.43 4.18 -0.08
O4D NDP B . 0.74 4.14 -0.98
C3D NDP B . -0.55 2.80 0.41
O3D NDP B . -1.87 2.44 0.51
C2D NDP B . 0.14 1.96 -0.59
O2D NDP B . -0.74 1.03 -1.11
C1D NDP B . 0.58 2.92 -1.65
N1N NDP B . 1.73 2.54 -2.50
C2N NDP B . 2.86 2.05 -1.72
C3N NDP B . 4.20 2.02 -2.39
C7N NDP B . 5.42 1.38 -1.63
O7N NDP B . 5.35 1.15 -0.45
N7N NDP B . 6.68 1.26 -2.28
C4N NDP B . 4.37 2.16 -3.78
C5N NDP B . 3.22 2.67 -4.55
C6N NDP B . 1.90 2.84 -3.89
P2B NDP B . 7.09 14.17 0.28
O1X NDP B . 7.76 15.51 0.10
O2X NDP B . 7.03 13.87 1.79
O3X NDP B . 7.89 13.09 -0.43
PA FAD C . -3.32 -3.28 7.44
O1A FAD C . -3.23 -1.86 7.96
O2A FAD C . -4.22 -3.48 6.28
O5B FAD C . -3.84 -4.21 8.61
C5B FAD C . -3.41 -4.07 9.94
C4B FAD C . -4.50 -4.14 10.92
O4B FAD C . -4.00 -4.28 12.21
C3B FAD C . -5.34 -2.91 10.93
O3B FAD C . -6.71 -3.31 10.92
C2B FAD C . -4.98 -2.25 12.10
O2B FAD C . -6.03 -1.38 12.58
C1B FAD C . -4.71 -3.39 13.00
N9A FAD C . -3.97 -3.08 14.22
C8A FAD C . -3.01 -2.16 14.37
N7A FAD C . -2.62 -2.20 15.66
C5A FAD C . -3.32 -3.15 16.31
C6A FAD C . -3.38 -3.64 17.62
N6A FAD C . -2.49 -3.10 18.65
N1A FAD C . -4.22 -4.60 17.93
C2A FAD C . -5.04 -5.12 16.98
N3A FAD C . -5.03 -4.68 15.74
C4A FAD C . -4.19 -3.71 15.39
N1 FAD C . -2.29 -1.19 -2.54
C2 FAD C . -1.81 -1.27 -3.78
O2 FAD C . -0.65 -2.00 -4.05
N3 FAD C . -2.42 -0.65 -4.80
C4 FAD C . -3.49 0.12 -4.57
O4 FAD C . -4.07 0.80 -5.66
C4X FAD C . -4.07 0.23 -3.31
N5 FAD C . -5.22 0.90 -3.06
C5X FAD C . -5.50 1.23 -1.74
C6 FAD C . -6.49 2.16 -1.42
C7 FAD C . -6.77 2.50 -0.08
C7M FAD C . -7.81 3.49 0.24
C8 FAD C . -6.07 1.88 0.95
C8M FAD C . -6.36 2.23 2.38
C9 FAD C . -5.10 0.94 0.64
C9A FAD C . -4.81 0.61 -0.71
N10 FAD C . -3.86 -0.32 -1.01
C10 FAD C . -3.38 -0.41 -2.27
C1' FAD C . -3.92 -1.55 -0.26
C2' FAD C . -2.70 -1.89 0.63
O2' FAD C . -1.58 -1.89 0.06
C3' FAD C . -2.98 -2.91 1.70
O3' FAD C . -4.14 -2.61 2.37
C4' FAD C . -1.87 -2.97 2.73
O4' FAD C . -0.63 -3.11 2.08
C5' FAD C . -2.11 -4.10 3.74
O5' FAD C . -1.08 -4.22 4.74
P FAD C . -1.27 -4.87 6.17
O1P FAD C . -2.15 -6.09 6.17
O2P FAD C . 0.13 -5.17 6.67
O3P FAD C . -1.82 -3.73 7.09
C FMT D . -21.21 -0.88 3.40
O1 FMT D . -21.64 -2.03 3.23
O2 FMT D . -21.78 0.06 3.96
C FMT E . -3.54 0.94 16.09
O1 FMT E . -4.55 1.01 15.37
O2 FMT E . -2.88 1.93 16.45
C FMT F . 12.65 -16.51 16.49
O1 FMT F . 12.94 -17.16 17.50
O2 FMT F . 13.17 -16.68 15.37
C FMT G . -9.96 -2.43 -5.90
O1 FMT G . -9.80 -1.43 -6.61
O2 FMT G . -10.15 -3.58 -6.31
C FMT H . -9.77 11.92 -12.83
O1 FMT H . -9.97 10.71 -12.99
O2 FMT H . -9.21 12.46 -11.87
C FMT I . -1.31 -24.73 20.31
O1 FMT I . -1.38 -25.67 19.50
O2 FMT I . -0.97 -24.80 21.50
C FMT J . 2.72 -2.98 17.07
O1 FMT J . 3.91 -3.27 17.20
O2 FMT J . 2.13 -2.06 17.66
#